data_2MIS
#
_entry.id   2MIS
#
loop_
_entity.id
_entity.type
_entity.pdbx_description
1 polymer 'VS Ribozyme'
2 non-polymer 'MAGNESIUM ION'
3 water water
#
_entity_poly.entity_id   1
_entity_poly.type   'polyribonucleotide'
_entity_poly.pdbx_seq_one_letter_code
;GAGCUGCAGCACGAAAGUGACGGCUC
;
_entity_poly.pdbx_strand_id   A
#